data_2B7L
#
_entry.id   2B7L
#
_cell.length_a   92.150
_cell.length_b   92.150
_cell.length_c   156.120
_cell.angle_alpha   90.00
_cell.angle_beta   90.00
_cell.angle_gamma   120.00
#
_symmetry.space_group_name_H-M   'P 31 2 1'
#
_entity_poly.entity_id   1
_entity_poly.type   'polypeptide(L)'
_entity_poly.pdbx_seq_one_letter_code
;MKRVITYGTYDLLHYGHIELLRRAREMGDYLIVALSTDEFNQIKHKKSYYDYEQRKMMLESIRYVDLVIPEKGWGQKEDD
VEKFDVDVFVMGHDWEGEFDFLKDKCEVIYLKRTEGISTTKIKQELYGKDAK
;
_entity_poly.pdbx_strand_id   A,B,C,D
#
# COMPACT_ATOMS: atom_id res chain seq x y z
N MET A 1 34.95 -1.97 8.68
CA MET A 1 33.52 -1.55 8.61
C MET A 1 32.80 -2.34 7.55
N LYS A 2 31.87 -3.19 7.97
CA LYS A 2 31.10 -4.01 7.05
C LYS A 2 30.00 -3.15 6.45
N ARG A 3 30.18 -2.74 5.18
CA ARG A 3 29.21 -1.88 4.51
C ARG A 3 28.20 -2.66 3.70
N VAL A 4 26.93 -2.39 3.94
CA VAL A 4 25.85 -3.07 3.25
C VAL A 4 25.15 -2.13 2.28
N ILE A 5 24.62 -2.70 1.19
CA ILE A 5 23.91 -1.91 0.21
C ILE A 5 22.65 -2.64 -0.26
N THR A 6 21.67 -1.87 -0.73
CA THR A 6 20.41 -2.42 -1.25
C THR A 6 19.82 -1.40 -2.22
N TYR A 7 19.15 -1.89 -3.25
CA TYR A 7 18.57 -1.02 -4.25
C TYR A 7 17.03 -1.07 -4.15
N GLY A 8 16.38 -0.09 -4.77
CA GLY A 8 14.92 -0.04 -4.75
C GLY A 8 14.36 1.33 -5.03
N THR A 9 13.04 1.39 -5.19
CA THR A 9 12.33 2.64 -5.47
C THR A 9 11.91 3.31 -4.17
N TYR A 10 11.40 2.51 -3.24
CA TYR A 10 10.93 3.01 -1.95
C TYR A 10 10.03 4.22 -2.11
N ASP A 11 8.87 4.02 -2.74
CA ASP A 11 7.97 5.13 -2.94
C ASP A 11 7.07 5.40 -1.73
N LEU A 12 5.92 4.71 -1.64
CA LEU A 12 5.03 4.91 -0.50
C LEU A 12 5.46 3.97 0.62
N LEU A 13 6.53 4.24 1.35
CA LEU A 13 6.91 3.29 2.40
C LEU A 13 5.77 2.77 3.30
N HIS A 14 5.76 1.47 3.55
CA HIS A 14 4.80 0.87 4.48
C HIS A 14 5.77 0.10 5.37
N TYR A 15 5.49 -0.05 6.66
CA TYR A 15 6.47 -0.71 7.55
C TYR A 15 7.23 -1.88 6.96
N GLY A 16 6.68 -2.41 5.89
CA GLY A 16 7.34 -3.51 5.22
C GLY A 16 8.74 -3.12 4.78
N HIS A 17 8.89 -1.94 4.21
CA HIS A 17 10.20 -1.50 3.75
C HIS A 17 11.14 -1.31 4.93
N ILE A 18 10.63 -0.70 6.00
CA ILE A 18 11.42 -0.45 7.19
C ILE A 18 11.97 -1.79 7.69
N GLU A 19 11.16 -2.85 7.66
CA GLU A 19 11.66 -4.12 8.13
C GLU A 19 12.83 -4.61 7.27
N LEU A 20 12.70 -4.49 5.96
CA LEU A 20 13.76 -4.91 5.05
C LEU A 20 15.05 -4.14 5.35
N LEU A 21 14.94 -2.82 5.40
CA LEU A 21 16.08 -1.95 5.68
C LEU A 21 16.76 -2.29 7.00
N ARG A 22 15.98 -2.46 8.06
CA ARG A 22 16.55 -2.77 9.35
C ARG A 22 17.33 -4.08 9.28
N ARG A 23 16.72 -5.11 8.71
CA ARG A 23 17.39 -6.39 8.56
C ARG A 23 18.69 -6.22 7.76
N ALA A 24 18.62 -5.44 6.70
CA ALA A 24 19.78 -5.19 5.86
C ALA A 24 20.88 -4.54 6.67
N ARG A 25 20.57 -3.40 7.30
CA ARG A 25 21.56 -2.69 8.11
C ARG A 25 22.12 -3.59 9.21
N GLU A 26 21.29 -4.52 9.65
CA GLU A 26 21.66 -5.45 10.70
C GLU A 26 22.83 -6.34 10.31
N MET A 27 23.05 -6.51 9.02
CA MET A 27 24.13 -7.36 8.53
C MET A 27 25.49 -6.70 8.43
N GLY A 28 25.57 -5.44 8.83
CA GLY A 28 26.83 -4.73 8.77
C GLY A 28 26.87 -3.60 9.77
N ASP A 29 27.68 -2.58 9.51
CA ASP A 29 27.78 -1.45 10.42
C ASP A 29 27.37 -0.17 9.72
N TYR A 30 27.04 -0.29 8.43
CA TYR A 30 26.72 0.88 7.63
C TYR A 30 25.83 0.45 6.46
N LEU A 31 24.68 1.11 6.28
CA LEU A 31 23.79 0.74 5.18
C LEU A 31 23.59 1.80 4.14
N ILE A 32 23.82 1.42 2.88
CA ILE A 32 23.63 2.32 1.76
C ILE A 32 22.39 1.89 1.00
N VAL A 33 21.60 2.85 0.58
CA VAL A 33 20.42 2.54 -0.19
C VAL A 33 20.56 3.25 -1.52
N ALA A 34 20.51 2.49 -2.60
CA ALA A 34 20.63 3.06 -3.93
C ALA A 34 19.20 3.33 -4.40
N LEU A 35 18.76 4.58 -4.20
CA LEU A 35 17.43 5.00 -4.56
C LEU A 35 17.26 5.22 -6.05
N SER A 36 16.27 4.55 -6.62
CA SER A 36 15.98 4.64 -8.04
C SER A 36 15.58 6.07 -8.37
N THR A 37 16.26 6.66 -9.35
CA THR A 37 15.95 8.02 -9.78
C THR A 37 14.60 7.97 -10.45
N ASP A 38 14.00 9.13 -10.69
CA ASP A 38 12.71 9.12 -11.35
C ASP A 38 12.84 8.68 -12.82
N GLU A 39 13.97 9.00 -13.44
CA GLU A 39 14.20 8.58 -14.82
C GLU A 39 14.26 7.05 -14.88
N PHE A 40 15.10 6.43 -14.04
CA PHE A 40 15.24 4.96 -14.03
C PHE A 40 13.96 4.33 -13.51
N ASN A 41 13.32 5.04 -12.59
CA ASN A 41 12.08 4.56 -12.02
C ASN A 41 11.15 4.33 -13.21
N GLN A 42 11.23 5.26 -14.15
CA GLN A 42 10.42 5.18 -15.36
C GLN A 42 10.89 3.96 -16.14
N ILE A 43 12.20 3.85 -16.33
CA ILE A 43 12.77 2.71 -17.03
C ILE A 43 12.19 1.41 -16.46
N LYS A 44 12.07 1.36 -15.14
CA LYS A 44 11.52 0.19 -14.49
C LYS A 44 10.01 0.08 -14.69
N HIS A 45 9.47 0.96 -15.51
CA HIS A 45 8.04 0.97 -15.78
C HIS A 45 7.20 1.27 -14.55
N LYS A 46 7.54 2.40 -13.92
CA LYS A 46 6.87 2.90 -12.74
C LYS A 46 6.87 4.42 -12.81
N LYS A 47 5.93 5.03 -12.11
CA LYS A 47 5.82 6.47 -12.05
C LYS A 47 5.55 6.78 -10.59
N SER A 48 6.61 6.76 -9.78
CA SER A 48 6.51 7.00 -8.35
C SER A 48 5.58 8.14 -7.99
N TYR A 49 4.91 8.00 -6.86
CA TYR A 49 4.00 8.99 -6.31
C TYR A 49 4.88 10.13 -5.78
N TYR A 50 5.94 9.75 -5.09
CA TYR A 50 6.87 10.70 -4.52
C TYR A 50 8.09 10.82 -5.44
N ASP A 51 8.57 12.04 -5.65
CA ASP A 51 9.73 12.23 -6.50
C ASP A 51 11.00 11.82 -5.77
N TYR A 52 12.05 11.56 -6.55
CA TYR A 52 13.35 11.15 -6.01
C TYR A 52 13.77 11.89 -4.73
N GLU A 53 13.78 13.21 -4.81
CA GLU A 53 14.18 14.01 -3.67
C GLU A 53 13.40 13.67 -2.41
N GLN A 54 12.07 13.67 -2.53
CA GLN A 54 11.21 13.36 -1.40
C GLN A 54 11.44 11.95 -0.89
N ARG A 55 11.60 11.00 -1.80
CA ARG A 55 11.84 9.62 -1.41
C ARG A 55 13.18 9.52 -0.69
N LYS A 56 14.14 10.31 -1.18
CA LYS A 56 15.47 10.33 -0.58
C LYS A 56 15.41 10.87 0.84
N MET A 57 14.73 12.00 1.00
CA MET A 57 14.59 12.64 2.30
C MET A 57 13.99 11.70 3.34
N MET A 58 12.98 10.95 2.93
CA MET A 58 12.32 10.02 3.83
C MET A 58 13.29 8.90 4.22
N LEU A 59 13.96 8.32 3.24
CA LEU A 59 14.90 7.25 3.54
C LEU A 59 15.94 7.73 4.54
N GLU A 60 16.54 8.88 4.24
CA GLU A 60 17.58 9.43 5.10
C GLU A 60 17.13 9.63 6.54
N SER A 61 15.84 9.84 6.73
CA SER A 61 15.31 10.06 8.06
C SER A 61 15.18 8.74 8.84
N ILE A 62 15.39 7.62 8.15
CA ILE A 62 15.28 6.31 8.79
C ILE A 62 16.57 5.91 9.50
N ARG A 63 16.45 5.63 10.79
CA ARG A 63 17.55 5.21 11.66
C ARG A 63 18.53 4.23 11.03
N TYR A 64 18.02 3.31 10.23
CA TYR A 64 18.87 2.29 9.67
C TYR A 64 19.58 2.68 8.39
N VAL A 65 19.17 3.79 7.79
CA VAL A 65 19.78 4.26 6.56
C VAL A 65 20.95 5.21 6.83
N ASP A 66 22.16 4.82 6.41
CA ASP A 66 23.37 5.63 6.58
C ASP A 66 23.69 6.52 5.39
N LEU A 67 23.24 6.12 4.21
CA LEU A 67 23.53 6.88 3.02
C LEU A 67 22.62 6.48 1.88
N VAL A 68 22.18 7.46 1.11
CA VAL A 68 21.30 7.18 -0.02
C VAL A 68 22.01 7.69 -1.27
N ILE A 69 22.16 6.81 -2.25
CA ILE A 69 22.79 7.20 -3.50
C ILE A 69 21.81 6.95 -4.62
N PRO A 70 21.95 7.66 -5.74
CA PRO A 70 21.03 7.45 -6.85
C PRO A 70 21.31 6.21 -7.70
N GLU A 71 20.25 5.43 -7.96
CA GLU A 71 20.35 4.25 -8.81
C GLU A 71 19.82 4.75 -10.16
N LYS A 72 20.73 5.02 -11.09
CA LYS A 72 20.32 5.55 -12.38
C LYS A 72 20.13 4.50 -13.49
N GLY A 73 20.57 3.28 -13.25
CA GLY A 73 20.41 2.24 -14.26
C GLY A 73 20.70 0.85 -13.77
N TRP A 74 20.46 -0.13 -14.64
CA TRP A 74 20.66 -1.54 -14.29
C TRP A 74 22.11 -1.99 -14.13
N GLY A 75 23.02 -1.42 -14.91
CA GLY A 75 24.40 -1.84 -14.82
C GLY A 75 25.37 -0.98 -14.03
N GLN A 76 24.99 -0.58 -12.82
CA GLN A 76 25.89 0.25 -12.03
C GLN A 76 26.29 -0.49 -10.75
N LYS A 77 25.57 -1.55 -10.42
CA LYS A 77 25.83 -2.34 -9.22
C LYS A 77 27.29 -2.70 -9.03
N GLU A 78 27.82 -3.52 -9.94
CA GLU A 78 29.21 -3.93 -9.86
C GLU A 78 30.07 -2.72 -9.54
N ASP A 79 29.86 -1.64 -10.28
CA ASP A 79 30.64 -0.44 -10.05
C ASP A 79 30.40 0.15 -8.66
N ASP A 80 29.14 0.26 -8.27
CA ASP A 80 28.81 0.79 -6.96
C ASP A 80 29.55 0.01 -5.87
N VAL A 81 29.40 -1.31 -5.88
CA VAL A 81 30.05 -2.18 -4.92
C VAL A 81 31.52 -1.82 -4.72
N GLU A 82 32.23 -1.59 -5.81
CA GLU A 82 33.64 -1.23 -5.70
C GLU A 82 33.80 0.21 -5.25
N LYS A 83 33.12 1.13 -5.93
CA LYS A 83 33.19 2.55 -5.61
C LYS A 83 32.87 2.91 -4.17
N PHE A 84 31.94 2.18 -3.56
CA PHE A 84 31.56 2.47 -2.18
C PHE A 84 32.04 1.44 -1.18
N ASP A 85 32.96 0.59 -1.61
CA ASP A 85 33.52 -0.43 -0.74
C ASP A 85 32.42 -1.22 -0.03
N VAL A 86 31.47 -1.73 -0.82
CA VAL A 86 30.36 -2.51 -0.29
C VAL A 86 30.79 -3.94 0.03
N ASP A 87 30.48 -4.39 1.23
CA ASP A 87 30.83 -5.75 1.64
C ASP A 87 29.66 -6.71 1.43
N VAL A 88 28.45 -6.24 1.73
CA VAL A 88 27.28 -7.08 1.61
C VAL A 88 26.22 -6.44 0.72
N PHE A 89 25.67 -7.24 -0.19
CA PHE A 89 24.63 -6.80 -1.11
C PHE A 89 23.32 -7.46 -0.71
N VAL A 90 22.33 -6.68 -0.30
CA VAL A 90 21.05 -7.24 0.12
C VAL A 90 19.87 -6.80 -0.72
N MET A 91 18.97 -7.74 -0.98
CA MET A 91 17.76 -7.49 -1.75
C MET A 91 16.64 -8.38 -1.22
N GLY A 92 15.40 -8.04 -1.57
CA GLY A 92 14.27 -8.83 -1.12
C GLY A 92 14.29 -10.23 -1.72
N HIS A 93 13.48 -11.12 -1.15
CA HIS A 93 13.43 -12.49 -1.66
C HIS A 93 13.01 -12.57 -3.12
N ASP A 94 12.15 -11.65 -3.55
CA ASP A 94 11.68 -11.69 -4.92
C ASP A 94 12.73 -11.34 -5.96
N TRP A 95 13.98 -11.26 -5.54
CA TRP A 95 15.07 -10.98 -6.47
C TRP A 95 16.05 -12.13 -6.48
N GLU A 96 15.75 -13.13 -5.65
CA GLU A 96 16.60 -14.30 -5.52
C GLU A 96 17.18 -14.71 -6.86
N GLY A 97 18.50 -14.88 -6.89
CA GLY A 97 19.18 -15.30 -8.11
C GLY A 97 19.45 -14.21 -9.12
N GLU A 98 18.60 -13.20 -9.15
CA GLU A 98 18.73 -12.10 -10.10
C GLU A 98 20.04 -11.30 -10.07
N PHE A 99 20.80 -11.38 -8.97
CA PHE A 99 22.05 -10.62 -8.87
C PHE A 99 23.27 -11.40 -8.42
N ASP A 100 23.20 -12.72 -8.59
CA ASP A 100 24.30 -13.61 -8.21
C ASP A 100 25.64 -13.23 -8.82
N PHE A 101 25.61 -12.53 -9.95
CA PHE A 101 26.84 -12.15 -10.61
C PHE A 101 27.72 -11.28 -9.75
N LEU A 102 27.15 -10.75 -8.68
CA LEU A 102 27.91 -9.91 -7.77
C LEU A 102 28.63 -10.74 -6.72
N LYS A 103 28.24 -12.00 -6.61
CA LYS A 103 28.80 -12.92 -5.61
C LYS A 103 30.33 -12.94 -5.58
N ASP A 104 30.95 -12.70 -6.72
CA ASP A 104 32.41 -12.71 -6.80
C ASP A 104 33.02 -11.39 -6.35
N LYS A 105 32.18 -10.37 -6.14
CA LYS A 105 32.67 -9.06 -5.71
C LYS A 105 32.30 -8.77 -4.25
N CYS A 106 31.20 -9.36 -3.79
CA CYS A 106 30.75 -9.16 -2.41
C CYS A 106 29.76 -10.23 -2.00
N GLU A 107 29.34 -10.18 -0.73
CA GLU A 107 28.38 -11.13 -0.20
C GLU A 107 27.00 -10.75 -0.70
N VAL A 108 26.36 -11.65 -1.45
CA VAL A 108 25.02 -11.38 -1.96
C VAL A 108 24.02 -12.09 -1.06
N ILE A 109 23.05 -11.36 -0.56
CA ILE A 109 22.05 -11.95 0.32
C ILE A 109 20.63 -11.57 -0.05
N TYR A 110 19.78 -12.58 -0.20
CA TYR A 110 18.38 -12.35 -0.52
C TYR A 110 17.56 -12.64 0.72
N LEU A 111 16.92 -11.60 1.27
CA LEU A 111 16.12 -11.75 2.48
C LEU A 111 14.91 -12.64 2.26
N LYS A 112 14.33 -13.08 3.37
CA LYS A 112 13.17 -13.96 3.39
C LYS A 112 11.82 -13.28 3.41
N ARG A 113 11.34 -12.94 4.60
CA ARG A 113 10.04 -12.30 4.79
C ARG A 113 9.90 -10.91 4.14
N THR A 114 10.39 -10.79 2.91
CA THR A 114 10.34 -9.54 2.16
C THR A 114 9.34 -9.63 1.02
N GLU A 115 8.06 -9.78 1.38
CA GLU A 115 6.97 -9.89 0.40
C GLU A 115 7.23 -9.14 -0.90
N MET B 1 17.29 17.89 30.74
CA MET B 1 16.88 17.33 29.43
C MET B 1 15.55 17.94 29.00
N LYS B 2 15.60 18.71 27.92
CA LYS B 2 14.41 19.38 27.37
C LYS B 2 13.61 18.37 26.55
N ARG B 3 12.53 17.86 27.14
CA ARG B 3 11.68 16.86 26.50
C ARG B 3 10.53 17.47 25.68
N VAL B 4 10.44 17.11 24.40
CA VAL B 4 9.40 17.62 23.52
C VAL B 4 8.37 16.55 23.20
N ILE B 5 7.14 16.98 22.95
CA ILE B 5 6.08 16.04 22.62
C ILE B 5 5.22 16.62 21.50
N THR B 6 4.56 15.74 20.77
CA THR B 6 3.67 16.12 19.68
C THR B 6 2.68 14.97 19.46
N TYR B 7 1.45 15.31 19.08
CA TYR B 7 0.43 14.30 18.84
C TYR B 7 0.07 14.22 17.37
N GLY B 8 -0.62 13.14 16.99
CA GLY B 8 -1.01 12.95 15.61
C GLY B 8 -1.28 11.50 15.24
N THR B 9 -1.83 11.29 14.04
CA THR B 9 -2.12 9.94 13.58
C THR B 9 -0.97 9.37 12.77
N TYR B 10 -0.31 10.21 11.98
CA TYR B 10 0.84 9.81 11.18
C TYR B 10 0.58 8.48 10.46
N ASP B 11 -0.35 8.50 9.51
CA ASP B 11 -0.68 7.30 8.77
C ASP B 11 0.23 7.02 7.59
N LEU B 12 -0.07 7.57 6.42
CA LEU B 12 0.79 7.30 5.29
C LEU B 12 1.98 8.24 5.37
N LEU B 13 2.90 7.78 6.21
CA LEU B 13 4.17 8.40 6.60
C LEU B 13 5.09 8.74 5.48
N HIS B 14 5.39 10.02 5.36
CA HIS B 14 6.25 10.50 4.32
C HIS B 14 7.06 11.68 4.84
N TYR B 15 7.74 12.37 3.93
CA TYR B 15 8.58 13.50 4.30
C TYR B 15 7.91 14.75 4.93
N GLY B 16 6.68 15.12 4.57
CA GLY B 16 6.06 16.28 5.20
C GLY B 16 6.07 16.08 6.70
N HIS B 17 5.74 14.85 7.09
CA HIS B 17 5.72 14.43 8.49
C HIS B 17 7.10 14.57 9.09
N ILE B 18 8.05 13.98 8.37
CA ILE B 18 9.44 13.98 8.78
C ILE B 18 9.88 15.39 9.08
N GLU B 19 9.48 16.33 8.23
CA GLU B 19 9.83 17.74 8.42
C GLU B 19 9.37 18.25 9.79
N LEU B 20 8.09 18.02 10.09
CA LEU B 20 7.54 18.44 11.38
C LEU B 20 8.29 17.81 12.54
N LEU B 21 8.43 16.49 12.49
CA LEU B 21 9.11 15.75 13.53
C LEU B 21 10.53 16.27 13.78
N ARG B 22 11.30 16.44 12.71
CA ARG B 22 12.68 16.92 12.89
C ARG B 22 12.68 18.27 13.57
N ARG B 23 11.85 19.19 13.08
CA ARG B 23 11.71 20.53 13.64
C ARG B 23 11.40 20.42 15.15
N ALA B 24 10.45 19.54 15.45
CA ALA B 24 10.01 19.32 16.81
C ALA B 24 11.18 18.87 17.67
N ARG B 25 11.78 17.75 17.29
CA ARG B 25 12.91 17.19 18.01
C ARG B 25 14.01 18.21 18.19
N GLU B 26 14.11 19.10 17.22
CA GLU B 26 15.12 20.14 17.19
C GLU B 26 14.98 21.12 18.37
N MET B 27 13.79 21.22 18.95
CA MET B 27 13.56 22.14 20.04
C MET B 27 13.92 21.61 21.40
N GLY B 28 14.45 20.40 21.46
CA GLY B 28 14.81 19.81 22.75
C GLY B 28 15.90 18.77 22.59
N ASP B 29 15.93 17.81 23.50
CA ASP B 29 16.95 16.76 23.45
C ASP B 29 16.30 15.39 23.33
N TYR B 30 14.97 15.37 23.36
CA TYR B 30 14.23 14.12 23.33
C TYR B 30 12.83 14.37 22.80
N LEU B 31 12.40 13.61 21.80
CA LEU B 31 11.07 13.80 21.23
C LEU B 31 10.10 12.64 21.45
N ILE B 32 8.95 12.96 22.02
CA ILE B 32 7.90 11.99 22.27
C ILE B 32 6.79 12.21 21.24
N VAL B 33 6.27 11.13 20.69
CA VAL B 33 5.18 11.23 19.72
C VAL B 33 4.03 10.43 20.29
N ALA B 34 2.91 11.12 20.51
CA ALA B 34 1.73 10.48 21.04
C ALA B 34 0.91 10.04 19.84
N LEU B 35 1.09 8.77 19.45
CA LEU B 35 0.39 8.21 18.30
C LEU B 35 -1.06 7.87 18.58
N SER B 36 -1.96 8.41 17.77
CA SER B 36 -3.38 8.16 17.93
C SER B 36 -3.66 6.69 17.72
N THR B 37 -4.33 6.08 18.69
CA THR B 37 -4.68 4.67 18.60
C THR B 37 -5.72 4.54 17.51
N ASP B 38 -6.01 3.31 17.10
CA ASP B 38 -7.00 3.15 16.05
C ASP B 38 -8.38 3.48 16.56
N GLU B 39 -8.63 3.22 17.84
CA GLU B 39 -9.93 3.55 18.43
C GLU B 39 -10.12 5.07 18.43
N PHE B 40 -9.11 5.80 18.89
CA PHE B 40 -9.16 7.26 18.95
C PHE B 40 -9.25 7.88 17.55
N ASN B 41 -8.78 7.15 16.54
CA ASN B 41 -8.86 7.66 15.18
C ASN B 41 -10.33 7.73 14.81
N GLN B 42 -11.07 6.65 15.08
CA GLN B 42 -12.50 6.62 14.77
C GLN B 42 -13.17 7.77 15.51
N ILE B 43 -12.73 8.03 16.74
CA ILE B 43 -13.32 9.12 17.51
C ILE B 43 -13.12 10.46 16.82
N LYS B 44 -12.05 10.58 16.02
CA LYS B 44 -11.77 11.82 15.32
C LYS B 44 -12.29 11.76 13.87
N HIS B 45 -13.25 10.88 13.63
CA HIS B 45 -13.84 10.66 12.31
C HIS B 45 -12.69 10.45 11.32
N LYS B 46 -11.81 9.52 11.65
CA LYS B 46 -10.64 9.23 10.82
C LYS B 46 -10.35 7.72 10.84
N LYS B 47 -10.05 7.16 9.67
CA LYS B 47 -9.73 5.73 9.60
C LYS B 47 -8.40 5.57 8.89
N SER B 48 -7.38 5.08 9.61
CA SER B 48 -6.08 4.96 9.00
C SER B 48 -5.88 3.72 8.16
N TYR B 49 -5.00 3.85 7.16
CA TYR B 49 -4.68 2.74 6.27
C TYR B 49 -3.80 1.78 7.03
N TYR B 50 -2.88 2.33 7.82
CA TYR B 50 -1.97 1.53 8.62
C TYR B 50 -2.47 1.47 10.05
N ASP B 51 -2.44 0.27 10.64
CA ASP B 51 -2.91 0.15 12.02
C ASP B 51 -1.88 0.72 13.01
N TYR B 52 -2.35 1.06 14.20
CA TYR B 52 -1.50 1.64 15.23
C TYR B 52 -0.10 1.02 15.36
N GLU B 53 -0.04 -0.30 15.46
CA GLU B 53 1.25 -0.98 15.59
C GLU B 53 2.19 -0.62 14.45
N GLN B 54 1.71 -0.76 13.22
CA GLN B 54 2.53 -0.45 12.05
C GLN B 54 2.93 1.03 12.00
N ARG B 55 2.01 1.91 12.36
CA ARG B 55 2.30 3.32 12.37
C ARG B 55 3.35 3.60 13.43
N LYS B 56 3.23 2.90 14.55
CA LYS B 56 4.16 3.05 15.66
C LYS B 56 5.57 2.61 15.25
N MET B 57 5.67 1.43 14.63
CA MET B 57 6.96 0.92 14.21
C MET B 57 7.67 1.85 13.23
N MET B 58 6.91 2.46 12.33
CA MET B 58 7.49 3.37 11.37
C MET B 58 7.99 4.62 12.07
N LEU B 59 7.19 5.19 12.96
CA LEU B 59 7.65 6.37 13.64
C LEU B 59 8.95 6.06 14.42
N GLU B 60 8.94 4.97 15.17
CA GLU B 60 10.11 4.59 15.96
C GLU B 60 11.38 4.45 15.15
N SER B 61 11.23 4.14 13.88
CA SER B 61 12.38 3.97 12.99
C SER B 61 12.93 5.31 12.54
N ILE B 62 12.23 6.39 12.84
CA ILE B 62 12.69 7.72 12.44
C ILE B 62 13.68 8.32 13.45
N ARG B 63 14.84 8.68 12.93
CA ARG B 63 15.93 9.23 13.75
C ARG B 63 15.53 10.29 14.77
N TYR B 64 14.50 11.08 14.43
CA TYR B 64 14.05 12.15 15.30
C TYR B 64 13.12 11.73 16.42
N VAL B 65 12.55 10.54 16.29
CA VAL B 65 11.61 10.05 17.28
C VAL B 65 12.26 9.19 18.37
N ASP B 66 12.18 9.65 19.62
CA ASP B 66 12.78 8.93 20.73
C ASP B 66 11.83 8.03 21.50
N LEU B 67 10.54 8.29 21.38
CA LEU B 67 9.54 7.48 22.07
C LEU B 67 8.18 7.72 21.48
N VAL B 68 7.42 6.65 21.37
CA VAL B 68 6.07 6.77 20.84
C VAL B 68 5.11 6.24 21.90
N ILE B 69 4.13 7.03 22.27
CA ILE B 69 3.15 6.59 23.25
C ILE B 69 1.76 6.70 22.63
N PRO B 70 0.82 5.90 23.13
CA PRO B 70 -0.53 5.95 22.56
C PRO B 70 -1.37 7.14 23.00
N GLU B 71 -2.01 7.79 22.02
CA GLU B 71 -2.93 8.89 22.30
C GLU B 71 -4.29 8.24 22.21
N LYS B 72 -4.90 8.00 23.36
CA LYS B 72 -6.20 7.34 23.41
C LYS B 72 -7.40 8.29 23.44
N GLY B 73 -7.18 9.55 23.73
CA GLY B 73 -8.27 10.49 23.78
C GLY B 73 -7.87 11.96 23.78
N TRP B 74 -8.86 12.83 23.74
CA TRP B 74 -8.63 14.27 23.72
C TRP B 74 -8.11 14.85 25.03
N GLY B 75 -8.54 14.30 26.16
CA GLY B 75 -8.12 14.87 27.43
C GLY B 75 -7.00 14.17 28.19
N GLN B 76 -5.91 13.83 27.52
CA GLN B 76 -4.82 13.18 28.23
C GLN B 76 -3.56 14.01 28.16
N LYS B 77 -3.57 15.05 27.32
CA LYS B 77 -2.40 15.90 27.15
C LYS B 77 -1.84 16.45 28.46
N GLU B 78 -2.65 17.23 29.19
CA GLU B 78 -2.20 17.79 30.46
C GLU B 78 -1.53 16.71 31.28
N ASP B 79 -2.20 15.56 31.38
CA ASP B 79 -1.68 14.43 32.12
C ASP B 79 -0.35 13.96 31.53
N ASP B 80 -0.32 13.74 30.23
CA ASP B 80 0.90 13.29 29.57
C ASP B 80 2.05 14.21 29.92
N VAL B 81 1.87 15.51 29.67
CA VAL B 81 2.91 16.48 29.93
C VAL B 81 3.54 16.31 31.29
N GLU B 82 2.71 16.07 32.30
CA GLU B 82 3.21 15.87 33.66
C GLU B 82 3.86 14.48 33.78
N LYS B 83 3.12 13.45 33.41
CA LYS B 83 3.60 12.08 33.51
C LYS B 83 4.93 11.80 32.79
N PHE B 84 5.17 12.48 31.68
CA PHE B 84 6.39 12.26 30.91
C PHE B 84 7.35 13.42 31.01
N ASP B 85 7.10 14.31 31.96
CA ASP B 85 7.93 15.48 32.18
C ASP B 85 8.28 16.17 30.87
N VAL B 86 7.22 16.54 30.15
CA VAL B 86 7.31 17.24 28.87
C VAL B 86 7.62 18.72 29.09
N ASP B 87 8.64 19.21 28.41
CA ASP B 87 9.00 20.62 28.54
C ASP B 87 8.41 21.47 27.42
N VAL B 88 8.39 20.91 26.21
CA VAL B 88 7.83 21.63 25.09
C VAL B 88 6.78 20.82 24.36
N PHE B 89 5.68 21.47 24.03
CA PHE B 89 4.58 20.84 23.32
C PHE B 89 4.52 21.44 21.92
N VAL B 90 4.68 20.60 20.91
CA VAL B 90 4.66 21.06 19.53
C VAL B 90 3.58 20.44 18.68
N MET B 91 2.98 21.26 17.82
CA MET B 91 1.93 20.84 16.91
C MET B 91 2.03 21.65 15.63
N GLY B 92 1.38 21.18 14.58
CA GLY B 92 1.41 21.89 13.32
C GLY B 92 0.68 23.20 13.39
N HIS B 93 0.91 24.04 12.40
CA HIS B 93 0.30 25.36 12.33
C HIS B 93 -1.24 25.30 12.39
N ASP B 94 -1.80 24.27 11.77
CA ASP B 94 -3.24 24.11 11.73
C ASP B 94 -3.90 23.84 13.06
N TRP B 95 -3.13 23.89 14.14
CA TRP B 95 -3.70 23.67 15.46
C TRP B 95 -3.52 24.90 16.32
N GLU B 96 -2.91 25.93 15.74
CA GLU B 96 -2.67 27.17 16.44
C GLU B 96 -3.83 27.56 17.34
N GLY B 97 -3.51 27.84 18.60
CA GLY B 97 -4.52 28.23 19.56
C GLY B 97 -5.32 27.10 20.18
N GLU B 98 -5.48 26.00 19.46
CA GLU B 98 -6.27 24.90 19.99
C GLU B 98 -5.76 24.19 21.25
N PHE B 99 -4.51 24.43 21.64
CA PHE B 99 -3.99 23.78 22.86
C PHE B 99 -3.30 24.73 23.83
N ASP B 100 -3.60 26.02 23.71
CA ASP B 100 -2.98 27.02 24.57
C ASP B 100 -3.19 26.77 26.06
N PHE B 101 -4.20 25.98 26.40
CA PHE B 101 -4.47 25.69 27.80
C PHE B 101 -3.31 24.96 28.47
N LEU B 102 -2.38 24.46 27.66
CA LEU B 102 -1.22 23.76 28.22
C LEU B 102 -0.10 24.73 28.51
N LYS B 103 -0.24 25.96 28.00
CA LYS B 103 0.78 26.99 28.19
C LYS B 103 1.23 27.17 29.64
N ASP B 104 0.34 26.90 30.59
CA ASP B 104 0.69 27.06 31.99
C ASP B 104 1.43 25.84 32.53
N LYS B 105 1.49 24.76 31.75
CA LYS B 105 2.18 23.56 32.19
C LYS B 105 3.47 23.31 31.43
N CYS B 106 3.56 23.85 30.21
CA CYS B 106 4.76 23.69 29.39
C CYS B 106 4.78 24.70 28.24
N GLU B 107 5.88 24.71 27.50
CA GLU B 107 6.01 25.63 26.39
C GLU B 107 5.18 25.06 25.24
N VAL B 108 4.20 25.84 24.76
CA VAL B 108 3.37 25.41 23.64
C VAL B 108 3.86 26.09 22.38
N ILE B 109 4.14 25.30 21.35
CA ILE B 109 4.65 25.85 20.10
C ILE B 109 3.96 25.30 18.87
N TYR B 110 3.48 26.21 18.03
CA TYR B 110 2.79 25.84 16.81
C TYR B 110 3.72 26.14 15.64
N LEU B 111 4.17 25.09 14.94
CA LEU B 111 5.06 25.27 13.82
C LEU B 111 4.39 26.09 12.73
N LYS B 112 5.15 26.81 11.92
CA LYS B 112 4.54 27.63 10.89
C LYS B 112 3.99 26.78 9.72
N ARG B 113 4.23 27.25 8.49
CA ARG B 113 3.79 26.59 7.25
C ARG B 113 4.06 25.08 7.24
N MET C 1 -11.27 -31.76 -13.84
CA MET C 1 -11.19 -30.32 -13.50
C MET C 1 -10.06 -30.10 -12.49
N LYS C 2 -9.01 -29.42 -12.93
CA LYS C 2 -7.86 -29.13 -12.09
C LYS C 2 -8.18 -27.93 -11.19
N ARG C 3 -8.49 -28.19 -9.93
CA ARG C 3 -8.84 -27.14 -8.97
C ARG C 3 -7.62 -26.61 -8.20
N VAL C 4 -7.45 -25.30 -8.24
CA VAL C 4 -6.34 -24.66 -7.56
C VAL C 4 -6.81 -23.90 -6.33
N ILE C 5 -5.94 -23.82 -5.32
CA ILE C 5 -6.28 -23.10 -4.10
C ILE C 5 -5.09 -22.24 -3.65
N THR C 6 -5.39 -21.18 -2.90
CA THR C 6 -4.36 -20.30 -2.38
C THR C 6 -4.93 -19.58 -1.17
N TYR C 7 -4.08 -19.31 -0.17
CA TYR C 7 -4.53 -18.65 1.04
C TYR C 7 -3.98 -17.23 1.15
N GLY C 8 -4.57 -16.43 2.03
CA GLY C 8 -4.12 -15.06 2.21
C GLY C 8 -5.15 -14.15 2.84
N THR C 9 -4.73 -12.94 3.20
CA THR C 9 -5.63 -11.95 3.81
C THR C 9 -6.26 -11.07 2.73
N TYR C 10 -5.46 -10.70 1.74
CA TYR C 10 -5.95 -9.86 0.63
C TYR C 10 -6.71 -8.66 1.14
N ASP C 11 -6.02 -7.77 1.86
CA ASP C 11 -6.66 -6.58 2.41
C ASP C 11 -6.80 -5.43 1.41
N LEU C 12 -5.77 -4.59 1.33
CA LEU C 12 -5.81 -3.49 0.39
C LEU C 12 -5.21 -3.96 -0.92
N LEU C 13 -5.93 -4.71 -1.74
CA LEU C 13 -5.30 -5.17 -2.97
C LEU C 13 -4.47 -4.16 -3.79
N HIS C 14 -3.35 -4.65 -4.34
CA HIS C 14 -2.59 -3.82 -5.26
C HIS C 14 -2.44 -4.72 -6.48
N TYR C 15 -2.10 -4.16 -7.65
CA TYR C 15 -2.02 -4.97 -8.87
C TYR C 15 -1.33 -6.26 -8.56
N GLY C 16 -0.47 -6.17 -7.57
CA GLY C 16 0.34 -7.30 -7.17
C GLY C 16 -0.44 -8.55 -6.85
N HIS C 17 -1.52 -8.39 -6.10
CA HIS C 17 -2.32 -9.53 -5.72
C HIS C 17 -2.99 -10.11 -6.94
N ILE C 18 -3.51 -9.23 -7.79
CA ILE C 18 -4.17 -9.65 -9.01
C ILE C 18 -3.21 -10.53 -9.82
N GLU C 19 -1.94 -10.13 -9.88
CA GLU C 19 -0.98 -10.91 -10.64
C GLU C 19 -0.84 -12.32 -10.07
N LEU C 20 -0.73 -12.42 -8.75
CA LEU C 20 -0.61 -13.71 -8.08
C LEU C 20 -1.83 -14.59 -8.40
N LEU C 21 -3.02 -14.04 -8.18
CA LEU C 21 -4.25 -14.77 -8.41
C LEU C 21 -4.37 -15.25 -9.85
N ARG C 22 -4.08 -14.37 -10.81
CA ARG C 22 -4.16 -14.74 -12.21
C ARG C 22 -3.26 -15.93 -12.50
N ARG C 23 -1.99 -15.83 -12.10
CA ARG C 23 -1.03 -16.91 -12.32
C ARG C 23 -1.52 -18.20 -11.65
N ALA C 24 -2.05 -18.08 -10.44
CA ALA C 24 -2.58 -19.22 -9.73
C ALA C 24 -3.70 -19.88 -10.55
N ARG C 25 -4.73 -19.10 -10.87
CA ARG C 25 -5.86 -19.58 -11.65
C ARG C 25 -5.39 -20.20 -12.95
N GLU C 26 -4.30 -19.68 -13.48
CA GLU C 26 -3.76 -20.17 -14.73
C GLU C 26 -3.25 -21.60 -14.69
N MET C 27 -2.97 -22.12 -13.50
CA MET C 27 -2.47 -23.48 -13.39
C MET C 27 -3.57 -24.52 -13.31
N GLY C 28 -4.82 -24.10 -13.45
CA GLY C 28 -5.92 -25.04 -13.38
C GLY C 28 -7.12 -24.54 -14.13
N ASP C 29 -8.31 -24.99 -13.76
CA ASP C 29 -9.52 -24.58 -14.43
C ASP C 29 -10.45 -23.91 -13.44
N TYR C 30 -10.06 -23.88 -12.18
CA TYR C 30 -10.89 -23.30 -11.14
C TYR C 30 -10.01 -22.88 -9.97
N LEU C 31 -10.18 -21.65 -9.50
CA LEU C 31 -9.37 -21.16 -8.40
C LEU C 31 -10.14 -20.81 -7.12
N ILE C 32 -9.71 -21.40 -6.02
CA ILE C 32 -10.32 -21.15 -4.73
C ILE C 32 -9.37 -20.28 -3.93
N VAL C 33 -9.93 -19.30 -3.22
CA VAL C 33 -9.11 -18.43 -2.38
C VAL C 33 -9.66 -18.58 -0.97
N ALA C 34 -8.78 -19.01 -0.08
CA ALA C 34 -9.14 -19.20 1.32
C ALA C 34 -8.82 -17.88 2.03
N LEU C 35 -9.83 -17.03 2.12
CA LEU C 35 -9.69 -15.72 2.74
C LEU C 35 -9.60 -15.78 4.25
N SER C 36 -8.54 -15.20 4.81
CA SER C 36 -8.35 -15.20 6.25
C SER C 36 -9.47 -14.40 6.91
N THR C 37 -10.16 -15.01 7.87
CA THR C 37 -11.24 -14.32 8.55
C THR C 37 -10.62 -13.26 9.41
N ASP C 38 -11.46 -12.38 9.97
CA ASP C 38 -10.98 -11.31 10.83
C ASP C 38 -10.37 -11.84 12.11
N GLU C 39 -10.99 -12.88 12.67
CA GLU C 39 -10.47 -13.46 13.91
C GLU C 39 -9.15 -14.14 13.66
N PHE C 40 -9.14 -15.05 12.70
CA PHE C 40 -7.91 -15.70 12.43
C PHE C 40 -6.87 -14.58 12.49
N ASN C 41 -7.27 -13.37 12.07
CA ASN C 41 -6.42 -12.18 12.10
C ASN C 41 -6.35 -11.69 13.55
N GLN C 42 -7.52 -11.57 14.17
CA GLN C 42 -7.65 -11.11 15.55
C GLN C 42 -6.85 -11.98 16.52
N ILE C 43 -6.84 -13.29 16.30
CA ILE C 43 -6.06 -14.20 17.12
C ILE C 43 -4.62 -13.74 16.94
N LYS C 44 -4.28 -13.49 15.68
CA LYS C 44 -2.95 -13.02 15.30
C LYS C 44 -2.77 -11.63 15.88
N HIS C 45 -3.83 -11.07 16.43
CA HIS C 45 -3.78 -9.72 16.98
C HIS C 45 -3.59 -8.72 15.84
N LYS C 46 -3.60 -9.21 14.60
CA LYS C 46 -3.44 -8.35 13.43
C LYS C 46 -4.79 -7.77 13.06
N LYS C 47 -4.78 -6.71 12.26
CA LYS C 47 -6.02 -6.07 11.86
C LYS C 47 -5.98 -5.57 10.42
N SER C 48 -6.91 -6.08 9.60
CA SER C 48 -7.04 -5.65 8.21
C SER C 48 -7.88 -4.37 8.20
N TYR C 49 -7.70 -3.58 7.15
CA TYR C 49 -8.41 -2.32 6.98
C TYR C 49 -9.83 -2.65 6.57
N TYR C 50 -9.96 -3.62 5.68
CA TYR C 50 -11.28 -4.06 5.22
C TYR C 50 -11.66 -5.35 5.94
N ASP C 51 -12.92 -5.44 6.36
CA ASP C 51 -13.37 -6.62 7.07
C ASP C 51 -13.57 -7.78 6.10
N TYR C 52 -13.58 -9.00 6.66
CA TYR C 52 -13.74 -10.21 5.88
C TYR C 52 -14.76 -10.12 4.74
N GLU C 53 -15.99 -9.72 5.07
CA GLU C 53 -17.01 -9.65 4.04
C GLU C 53 -16.61 -8.75 2.88
N GLN C 54 -16.12 -7.56 3.18
CA GLN C 54 -15.70 -6.65 2.12
C GLN C 54 -14.53 -7.23 1.32
N ARG C 55 -13.60 -7.87 2.01
CA ARG C 55 -12.45 -8.47 1.34
C ARG C 55 -12.93 -9.60 0.43
N LYS C 56 -13.93 -10.33 0.94
CA LYS C 56 -14.50 -11.44 0.17
C LYS C 56 -15.18 -10.93 -1.10
N MET C 57 -16.02 -9.90 -0.94
CA MET C 57 -16.74 -9.31 -2.06
C MET C 57 -15.80 -8.88 -3.18
N MET C 58 -14.70 -8.26 -2.78
CA MET C 58 -13.71 -7.78 -3.73
C MET C 58 -13.08 -8.95 -4.47
N LEU C 59 -12.63 -9.96 -3.73
CA LEU C 59 -12.02 -11.10 -4.38
C LEU C 59 -12.98 -11.74 -5.37
N GLU C 60 -14.20 -11.99 -4.93
CA GLU C 60 -15.18 -12.64 -5.81
C GLU C 60 -15.43 -11.88 -7.10
N SER C 61 -15.19 -10.56 -7.08
CA SER C 61 -15.41 -9.73 -8.26
C SER C 61 -14.26 -9.87 -9.24
N ILE C 62 -13.19 -10.54 -8.83
CA ILE C 62 -12.03 -10.72 -9.69
C ILE C 62 -12.21 -11.93 -10.63
N ARG C 63 -12.10 -11.66 -11.93
CA ARG C 63 -12.28 -12.68 -12.96
C ARG C 63 -11.56 -14.01 -12.72
N TYR C 64 -10.43 -13.96 -12.04
CA TYR C 64 -9.67 -15.17 -11.78
C TYR C 64 -10.13 -15.98 -10.58
N VAL C 65 -10.91 -15.35 -9.70
CA VAL C 65 -11.40 -16.05 -8.51
C VAL C 65 -12.74 -16.75 -8.73
N ASP C 66 -12.76 -18.07 -8.55
CA ASP C 66 -14.00 -18.85 -8.73
C ASP C 66 -14.74 -19.12 -7.43
N LEU C 67 -14.04 -19.06 -6.32
CA LEU C 67 -14.66 -19.32 -5.03
C LEU C 67 -13.81 -18.81 -3.88
N VAL C 68 -14.46 -18.22 -2.90
CA VAL C 68 -13.75 -17.71 -1.72
C VAL C 68 -14.28 -18.46 -0.51
N ILE C 69 -13.38 -19.05 0.26
CA ILE C 69 -13.78 -19.78 1.46
C ILE C 69 -13.04 -19.15 2.62
N PRO C 70 -13.59 -19.27 3.83
CA PRO C 70 -12.91 -18.69 4.98
C PRO C 70 -11.76 -19.52 5.55
N GLU C 71 -10.62 -18.86 5.76
CA GLU C 71 -9.46 -19.51 6.36
C GLU C 71 -9.56 -19.09 7.82
N LYS C 72 -9.99 -20.02 8.66
CA LYS C 72 -10.15 -19.74 10.09
C LYS C 72 -8.94 -20.10 10.96
N GLY C 73 -8.00 -20.88 10.43
CA GLY C 73 -6.83 -21.25 11.22
C GLY C 73 -5.70 -21.87 10.41
N TRP C 74 -4.59 -22.12 11.10
CA TRP C 74 -3.39 -22.68 10.46
C TRP C 74 -3.51 -24.16 10.04
N GLY C 75 -4.27 -24.95 10.78
CA GLY C 75 -4.38 -26.35 10.44
C GLY C 75 -5.62 -26.82 9.72
N GLN C 76 -6.03 -26.12 8.67
CA GLN C 76 -7.20 -26.56 7.95
C GLN C 76 -6.89 -26.87 6.51
N LYS C 77 -5.69 -26.51 6.08
CA LYS C 77 -5.26 -26.75 4.72
C LYS C 77 -5.42 -28.21 4.25
N GLU C 78 -4.74 -29.13 4.93
CA GLU C 78 -4.84 -30.54 4.57
C GLU C 78 -6.32 -30.88 4.36
N ASP C 79 -7.14 -30.46 5.32
CA ASP C 79 -8.58 -30.71 5.29
C ASP C 79 -9.22 -30.07 4.08
N ASP C 80 -8.94 -28.79 3.87
CA ASP C 80 -9.48 -28.06 2.74
C ASP C 80 -9.19 -28.82 1.46
N VAL C 81 -7.91 -29.09 1.22
CA VAL C 81 -7.46 -29.80 0.03
C VAL C 81 -8.36 -31.00 -0.31
N GLU C 82 -8.66 -31.79 0.73
CA GLU C 82 -9.50 -32.97 0.58
C GLU C 82 -10.96 -32.57 0.34
N LYS C 83 -11.48 -31.77 1.27
CA LYS C 83 -12.86 -31.29 1.23
C LYS C 83 -13.28 -30.61 -0.06
N PHE C 84 -12.36 -29.86 -0.67
CA PHE C 84 -12.66 -29.14 -1.90
C PHE C 84 -12.00 -29.75 -3.14
N ASP C 85 -11.53 -30.98 -3.00
CA ASP C 85 -10.86 -31.68 -4.10
C ASP C 85 -9.87 -30.76 -4.83
N VAL C 86 -8.96 -30.19 -4.05
CA VAL C 86 -7.93 -29.31 -4.57
C VAL C 86 -6.82 -30.11 -5.22
N ASP C 87 -6.46 -29.74 -6.44
CA ASP C 87 -5.41 -30.46 -7.13
C ASP C 87 -4.08 -29.72 -7.01
N VAL C 88 -4.11 -28.39 -7.05
CA VAL C 88 -2.89 -27.61 -6.94
C VAL C 88 -2.99 -26.58 -5.83
N PHE C 89 -1.93 -26.48 -5.04
CA PHE C 89 -1.86 -25.53 -3.93
C PHE C 89 -0.82 -24.49 -4.29
N VAL C 90 -1.24 -23.23 -4.39
CA VAL C 90 -0.31 -22.17 -4.74
C VAL C 90 -0.20 -21.08 -3.69
N MET C 91 1.02 -20.59 -3.50
CA MET C 91 1.32 -19.52 -2.56
C MET C 91 2.47 -18.69 -3.11
N GLY C 92 2.64 -17.51 -2.54
CA GLY C 92 3.73 -16.66 -2.99
C GLY C 92 5.09 -17.23 -2.67
N HIS C 93 6.11 -16.66 -3.29
CA HIS C 93 7.50 -17.09 -3.11
C HIS C 93 7.93 -17.03 -1.64
N ASP C 94 7.45 -16.04 -0.92
CA ASP C 94 7.81 -15.86 0.48
C ASP C 94 7.30 -16.95 1.43
N TRP C 95 6.71 -17.99 0.86
CA TRP C 95 6.19 -19.09 1.66
C TRP C 95 6.88 -20.38 1.30
N GLU C 96 7.80 -20.28 0.34
CA GLU C 96 8.53 -21.43 -0.12
C GLU C 96 8.95 -22.36 1.02
N GLY C 97 8.64 -23.64 0.86
CA GLY C 97 8.97 -24.62 1.87
C GLY C 97 8.00 -24.71 3.04
N GLU C 98 7.36 -23.60 3.38
CA GLU C 98 6.46 -23.57 4.51
C GLU C 98 5.23 -24.50 4.46
N PHE C 99 4.91 -25.02 3.28
CA PHE C 99 3.73 -25.89 3.12
C PHE C 99 3.99 -27.19 2.39
N ASP C 100 5.24 -27.59 2.31
CA ASP C 100 5.59 -28.81 1.60
C ASP C 100 4.90 -30.06 2.12
N PHE C 101 4.42 -30.02 3.37
CA PHE C 101 3.75 -31.17 3.95
C PHE C 101 2.49 -31.54 3.17
N LEU C 102 2.03 -30.64 2.31
CA LEU C 102 0.84 -30.91 1.52
C LEU C 102 1.20 -31.62 0.23
N LYS C 103 2.50 -31.65 -0.08
CA LYS C 103 2.96 -32.27 -1.32
C LYS C 103 2.46 -33.70 -1.53
N ASP C 104 2.18 -34.42 -0.44
CA ASP C 104 1.69 -35.80 -0.56
C ASP C 104 0.20 -35.83 -0.85
N LYS C 105 -0.47 -34.69 -0.73
CA LYS C 105 -1.92 -34.62 -0.96
C LYS C 105 -2.28 -33.88 -2.23
N CYS C 106 -1.40 -32.99 -2.68
CA CYS C 106 -1.64 -32.23 -3.90
C CYS C 106 -0.36 -31.57 -4.41
N GLU C 107 -0.44 -30.95 -5.58
CA GLU C 107 0.72 -30.28 -6.15
C GLU C 107 0.93 -28.99 -5.38
N VAL C 108 2.11 -28.81 -4.79
CA VAL C 108 2.39 -27.56 -4.06
C VAL C 108 3.27 -26.73 -4.96
N ILE C 109 2.88 -25.48 -5.17
CA ILE C 109 3.63 -24.58 -6.02
C ILE C 109 3.83 -23.21 -5.42
N TYR C 110 5.10 -22.80 -5.37
CA TYR C 110 5.47 -21.51 -4.82
C TYR C 110 5.79 -20.60 -6.00
N LEU C 111 4.99 -19.56 -6.22
CA LEU C 111 5.24 -18.65 -7.32
C LEU C 111 6.54 -17.88 -7.14
N LYS C 112 7.07 -17.47 -8.29
CA LYS C 112 8.31 -16.71 -8.39
C LYS C 112 8.07 -15.22 -8.15
N ARG C 113 7.25 -14.63 -9.02
CA ARG C 113 6.93 -13.20 -8.94
C ARG C 113 8.10 -12.34 -9.39
N MET D 1 -27.03 -4.85 -28.25
CA MET D 1 -25.96 -4.83 -27.22
C MET D 1 -26.07 -3.52 -26.43
N LYS D 2 -26.62 -3.56 -25.22
CA LYS D 2 -26.75 -2.36 -24.41
C LYS D 2 -25.40 -2.09 -23.74
N ARG D 3 -24.66 -1.13 -24.27
CA ARG D 3 -23.34 -0.80 -23.71
C ARG D 3 -23.37 0.32 -22.68
N VAL D 4 -22.79 0.05 -21.51
CA VAL D 4 -22.73 1.03 -20.43
C VAL D 4 -21.33 1.58 -20.24
N ILE D 5 -21.26 2.82 -19.75
CA ILE D 5 -19.97 3.46 -19.51
C ILE D 5 -20.01 4.22 -18.19
N THR D 6 -18.84 4.40 -17.59
CA THR D 6 -18.71 5.13 -16.34
C THR D 6 -17.27 5.66 -16.26
N TYR D 7 -17.11 6.83 -15.67
CA TYR D 7 -15.79 7.44 -15.55
C TYR D 7 -15.31 7.44 -14.11
N GLY D 8 -14.00 7.68 -13.92
CA GLY D 8 -13.45 7.69 -12.58
C GLY D 8 -11.95 7.42 -12.52
N THR D 9 -11.37 7.62 -11.34
CA THR D 9 -9.94 7.39 -11.12
C THR D 9 -9.67 5.97 -10.69
N TYR D 10 -10.53 5.45 -9.81
CA TYR D 10 -10.39 4.08 -9.30
C TYR D 10 -8.96 3.79 -8.83
N ASP D 11 -8.51 4.50 -7.80
CA ASP D 11 -7.16 4.32 -7.30
C ASP D 11 -6.99 3.12 -6.38
N LEU D 12 -7.18 3.34 -5.08
CA LEU D 12 -7.04 2.24 -4.14
C LEU D 12 -8.35 1.46 -4.18
N LEU D 13 -8.43 0.69 -5.27
CA LEU D 13 -9.54 -0.18 -5.69
C LEU D 13 -10.00 -1.15 -4.63
N HIS D 14 -11.25 -0.98 -4.20
CA HIS D 14 -11.82 -1.82 -3.15
C HIS D 14 -13.24 -2.20 -3.50
N TYR D 15 -13.90 -2.84 -2.54
CA TYR D 15 -15.26 -3.30 -2.72
C TYR D 15 -16.30 -2.19 -3.02
N GLY D 16 -16.17 -1.01 -2.39
CA GLY D 16 -17.10 0.08 -2.68
C GLY D 16 -17.16 0.30 -4.18
N HIS D 17 -15.99 0.35 -4.80
CA HIS D 17 -15.88 0.52 -6.25
C HIS D 17 -16.58 -0.63 -6.95
N ILE D 18 -16.21 -1.84 -6.52
CA ILE D 18 -16.75 -3.04 -7.10
C ILE D 18 -18.27 -2.99 -7.11
N GLU D 19 -18.84 -2.48 -6.02
CA GLU D 19 -20.29 -2.38 -5.91
C GLU D 19 -20.84 -1.52 -7.05
N LEU D 20 -20.23 -0.35 -7.23
CA LEU D 20 -20.63 0.59 -8.27
C LEU D 20 -20.55 -0.07 -9.65
N LEU D 21 -19.38 -0.62 -9.95
CA LEU D 21 -19.13 -1.27 -11.22
C LEU D 21 -20.13 -2.38 -11.51
N ARG D 22 -20.36 -3.25 -10.54
CA ARG D 22 -21.31 -4.35 -10.71
C ARG D 22 -22.67 -3.81 -11.11
N ARG D 23 -23.17 -2.86 -10.32
CA ARG D 23 -24.48 -2.26 -10.59
C ARG D 23 -24.49 -1.63 -11.98
N ALA D 24 -23.41 -0.94 -12.35
CA ALA D 24 -23.33 -0.32 -13.67
C ALA D 24 -23.44 -1.38 -14.74
N ARG D 25 -22.55 -2.37 -14.70
CA ARG D 25 -22.54 -3.47 -15.67
C ARG D 25 -23.90 -4.15 -15.74
N GLU D 26 -24.59 -4.15 -14.61
CA GLU D 26 -25.89 -4.76 -14.48
C GLU D 26 -26.95 -4.12 -15.36
N MET D 27 -26.74 -2.87 -15.74
CA MET D 27 -27.72 -2.17 -16.56
C MET D 27 -27.57 -2.36 -18.06
N GLY D 28 -26.67 -3.24 -18.46
CA GLY D 28 -26.46 -3.49 -19.87
C GLY D 28 -25.83 -4.85 -20.10
N ASP D 29 -25.13 -5.03 -21.21
CA ASP D 29 -24.51 -6.31 -21.48
C ASP D 29 -23.03 -6.13 -21.63
N TYR D 30 -22.56 -4.89 -21.48
CA TYR D 30 -21.16 -4.59 -21.69
C TYR D 30 -20.81 -3.31 -20.95
N LEU D 31 -19.75 -3.34 -20.14
CA LEU D 31 -19.38 -2.17 -19.38
C LEU D 31 -18.01 -1.59 -19.71
N ILE D 32 -18.01 -0.30 -20.03
CA ILE D 32 -16.78 0.41 -20.35
C ILE D 32 -16.43 1.33 -19.16
N VAL D 33 -15.16 1.37 -18.82
CA VAL D 33 -14.70 2.23 -17.74
C VAL D 33 -13.68 3.19 -18.34
N ALA D 34 -13.97 4.47 -18.23
CA ALA D 34 -13.06 5.49 -18.73
C ALA D 34 -12.16 5.87 -17.57
N LEU D 35 -11.00 5.23 -17.52
CA LEU D 35 -10.03 5.45 -16.44
C LEU D 35 -9.27 6.77 -16.61
N SER D 36 -9.33 7.60 -15.57
CA SER D 36 -8.64 8.89 -15.60
C SER D 36 -7.14 8.65 -15.71
N THR D 37 -6.51 9.28 -16.71
CA THR D 37 -5.08 9.14 -16.88
C THR D 37 -4.40 9.86 -15.74
N ASP D 38 -3.10 9.66 -15.59
CA ASP D 38 -2.38 10.33 -14.51
C ASP D 38 -2.36 11.83 -14.74
N GLU D 39 -2.26 12.25 -16.00
CA GLU D 39 -2.24 13.66 -16.32
C GLU D 39 -3.57 14.31 -15.94
N PHE D 40 -4.68 13.71 -16.38
CA PHE D 40 -6.00 14.27 -16.07
C PHE D 40 -6.27 14.26 -14.60
N ASN D 41 -5.79 13.21 -13.92
CA ASN D 41 -5.98 13.07 -12.49
C ASN D 41 -5.46 14.33 -11.80
N GLN D 42 -4.31 14.82 -12.26
CA GLN D 42 -3.73 16.02 -11.69
C GLN D 42 -4.76 17.14 -11.89
N ILE D 43 -5.22 17.29 -13.13
CA ILE D 43 -6.21 18.29 -13.49
C ILE D 43 -7.44 18.20 -12.61
N LYS D 44 -7.99 16.99 -12.49
CA LYS D 44 -9.18 16.71 -11.67
C LYS D 44 -8.80 16.92 -10.20
N HIS D 45 -7.67 17.59 -9.98
CA HIS D 45 -7.21 17.89 -8.63
C HIS D 45 -7.00 16.65 -7.75
N LYS D 46 -6.26 15.66 -8.25
CA LYS D 46 -5.97 14.45 -7.47
C LYS D 46 -4.91 13.53 -8.07
N LYS D 47 -3.85 13.29 -7.30
CA LYS D 47 -2.78 12.41 -7.73
C LYS D 47 -3.08 11.05 -7.10
N SER D 48 -2.88 10.00 -7.88
CA SER D 48 -3.16 8.64 -7.43
C SER D 48 -1.94 7.93 -6.90
N TYR D 49 -2.19 6.95 -6.04
CA TYR D 49 -1.12 6.16 -5.48
C TYR D 49 -0.67 5.17 -6.54
N TYR D 50 -1.63 4.65 -7.30
CA TYR D 50 -1.35 3.71 -8.34
C TYR D 50 -1.35 4.44 -9.68
N ASP D 51 -0.39 4.14 -10.55
CA ASP D 51 -0.34 4.77 -11.86
C ASP D 51 -1.42 4.21 -12.79
N TYR D 52 -1.77 4.98 -13.81
CA TYR D 52 -2.78 4.60 -14.79
C TYR D 52 -2.70 3.13 -15.20
N GLU D 53 -1.52 2.70 -15.63
CA GLU D 53 -1.30 1.32 -16.04
C GLU D 53 -1.78 0.31 -15.01
N GLN D 54 -1.29 0.46 -13.78
CA GLN D 54 -1.69 -0.48 -12.75
C GLN D 54 -3.16 -0.37 -12.37
N ARG D 55 -3.71 0.84 -12.37
CA ARG D 55 -5.12 1.00 -12.08
C ARG D 55 -5.92 0.33 -13.20
N LYS D 56 -5.41 0.43 -14.42
CA LYS D 56 -6.05 -0.16 -15.58
C LYS D 56 -6.08 -1.69 -15.46
N MET D 57 -4.92 -2.27 -15.15
CA MET D 57 -4.79 -3.71 -15.03
C MET D 57 -5.74 -4.27 -13.96
N MET D 58 -5.88 -3.55 -12.85
CA MET D 58 -6.75 -4.00 -11.79
C MET D 58 -8.21 -3.95 -12.25
N LEU D 59 -8.62 -2.86 -12.88
CA LEU D 59 -10.00 -2.79 -13.32
C LEU D 59 -10.29 -3.93 -14.28
N GLU D 60 -9.40 -4.11 -15.26
CA GLU D 60 -9.58 -5.14 -16.26
C GLU D 60 -9.76 -6.53 -15.69
N SER D 61 -9.18 -6.74 -14.50
CA SER D 61 -9.27 -8.03 -13.83
C SER D 61 -10.63 -8.23 -13.17
N ILE D 62 -11.43 -7.17 -13.15
CA ILE D 62 -12.75 -7.25 -12.54
C ILE D 62 -13.81 -7.81 -13.50
N ARG D 63 -14.44 -8.88 -13.05
CA ARG D 63 -15.51 -9.60 -13.74
C ARG D 63 -16.52 -8.69 -14.48
N TYR D 64 -16.86 -7.56 -13.88
CA TYR D 64 -17.85 -6.69 -14.47
C TYR D 64 -17.31 -5.70 -15.48
N VAL D 65 -15.99 -5.54 -15.54
CA VAL D 65 -15.40 -4.61 -16.49
C VAL D 65 -15.05 -5.27 -17.83
N ASP D 66 -15.67 -4.80 -18.90
CA ASP D 66 -15.47 -5.31 -20.26
C ASP D 66 -14.39 -4.57 -21.05
N LEU D 67 -14.18 -3.31 -20.70
CA LEU D 67 -13.22 -2.50 -21.42
C LEU D 67 -12.83 -1.27 -20.62
N VAL D 68 -11.55 -0.92 -20.67
CA VAL D 68 -11.08 0.25 -19.98
C VAL D 68 -10.47 1.18 -21.01
N ILE D 69 -10.92 2.42 -21.04
CA ILE D 69 -10.37 3.38 -21.98
C ILE D 69 -9.87 4.57 -21.17
N PRO D 70 -8.92 5.32 -21.71
CA PRO D 70 -8.39 6.46 -20.98
C PRO D 70 -9.28 7.72 -20.99
N GLU D 71 -9.49 8.31 -19.82
CA GLU D 71 -10.25 9.55 -19.69
C GLU D 71 -9.16 10.62 -19.57
N LYS D 72 -8.94 11.34 -20.66
CA LYS D 72 -7.89 12.35 -20.71
C LYS D 72 -8.35 13.75 -20.36
N GLY D 73 -9.66 13.99 -20.37
CA GLY D 73 -10.15 15.31 -20.06
C GLY D 73 -11.65 15.39 -19.79
N TRP D 74 -12.10 16.58 -19.42
CA TRP D 74 -13.50 16.82 -19.10
C TRP D 74 -14.46 16.76 -20.28
N GLY D 75 -14.01 17.23 -21.44
CA GLY D 75 -14.90 17.25 -22.58
C GLY D 75 -14.76 16.16 -23.62
N GLN D 76 -14.72 14.90 -23.20
CA GLN D 76 -14.62 13.82 -24.18
C GLN D 76 -15.81 12.89 -24.08
N LYS D 77 -16.60 13.05 -23.02
CA LYS D 77 -17.77 12.21 -22.81
C LYS D 77 -18.69 12.12 -24.03
N GLU D 78 -19.26 13.25 -24.43
CA GLU D 78 -20.16 13.27 -25.58
C GLU D 78 -19.54 12.46 -26.70
N ASP D 79 -18.27 12.73 -26.96
CA ASP D 79 -17.53 12.05 -28.01
C ASP D 79 -17.43 10.55 -27.74
N ASP D 80 -17.01 10.19 -26.53
CA ASP D 80 -16.90 8.78 -26.18
C ASP D 80 -18.22 8.08 -26.45
N VAL D 81 -19.30 8.61 -25.89
CA VAL D 81 -20.62 8.01 -26.05
C VAL D 81 -20.89 7.62 -27.50
N GLU D 82 -20.59 8.52 -28.43
CA GLU D 82 -20.82 8.23 -29.83
C GLU D 82 -19.78 7.25 -30.36
N LYS D 83 -18.50 7.55 -30.16
CA LYS D 83 -17.44 6.68 -30.64
C LYS D 83 -17.50 5.24 -30.16
N PHE D 84 -18.01 5.01 -28.95
CA PHE D 84 -18.08 3.66 -28.42
C PHE D 84 -19.50 3.11 -28.37
N ASP D 85 -20.40 3.79 -29.05
CA ASP D 85 -21.78 3.34 -29.11
C ASP D 85 -22.32 3.05 -27.71
N VAL D 86 -22.17 4.01 -26.81
CA VAL D 86 -22.62 3.88 -25.43
C VAL D 86 -24.12 4.10 -25.33
N ASP D 87 -24.81 3.17 -24.66
CA ASP D 87 -26.26 3.27 -24.50
C ASP D 87 -26.61 3.91 -23.16
N VAL D 88 -25.90 3.50 -22.12
CA VAL D 88 -26.16 4.03 -20.79
C VAL D 88 -24.92 4.62 -20.15
N PHE D 89 -25.08 5.77 -19.54
CA PHE D 89 -24.01 6.47 -18.87
C PHE D 89 -24.29 6.42 -17.37
N VAL D 90 -23.39 5.80 -16.61
CA VAL D 90 -23.57 5.67 -15.17
C VAL D 90 -22.46 6.33 -14.36
N MET D 91 -22.86 6.96 -13.26
CA MET D 91 -21.95 7.63 -12.34
C MET D 91 -22.52 7.52 -10.94
N GLY D 92 -21.67 7.77 -9.95
CA GLY D 92 -22.12 7.71 -8.57
C GLY D 92 -23.11 8.82 -8.24
N HIS D 93 -23.78 8.67 -7.11
CA HIS D 93 -24.77 9.63 -6.65
C HIS D 93 -24.21 11.05 -6.52
N ASP D 94 -22.96 11.12 -6.10
CA ASP D 94 -22.25 12.38 -5.91
C ASP D 94 -22.04 13.22 -7.18
N TRP D 95 -22.54 12.73 -8.32
CA TRP D 95 -22.38 13.46 -9.55
C TRP D 95 -23.74 13.83 -10.13
N GLU D 96 -24.78 13.47 -9.39
CA GLU D 96 -26.14 13.76 -9.80
C GLU D 96 -26.27 15.14 -10.43
N GLY D 97 -26.86 15.18 -11.63
CA GLY D 97 -27.03 16.43 -12.33
C GLY D 97 -25.83 16.94 -13.10
N GLU D 98 -24.63 16.60 -12.64
CA GLU D 98 -23.42 17.07 -13.30
C GLU D 98 -23.19 16.68 -14.75
N PHE D 99 -23.92 15.67 -15.24
CA PHE D 99 -23.73 15.24 -16.63
C PHE D 99 -25.02 15.08 -17.41
N ASP D 100 -26.08 15.73 -16.98
CA ASP D 100 -27.36 15.62 -17.67
C ASP D 100 -27.33 16.04 -19.13
N PHE D 101 -26.31 16.81 -19.50
CA PHE D 101 -26.19 17.24 -20.89
C PHE D 101 -26.04 16.07 -21.84
N LEU D 102 -25.75 14.89 -21.29
CA LEU D 102 -25.60 13.71 -22.11
C LEU D 102 -26.93 13.03 -22.34
N LYS D 103 -27.93 13.44 -21.55
CA LYS D 103 -29.26 12.88 -21.63
C LYS D 103 -29.84 12.78 -23.04
N ASP D 104 -29.46 13.71 -23.89
CA ASP D 104 -29.94 13.73 -25.26
C ASP D 104 -29.18 12.76 -26.16
N LYS D 105 -28.09 12.21 -25.66
CA LYS D 105 -27.29 11.28 -26.45
C LYS D 105 -27.36 9.85 -25.93
N CYS D 106 -27.65 9.69 -24.65
CA CYS D 106 -27.77 8.36 -24.05
C CYS D 106 -28.51 8.42 -22.71
N GLU D 107 -28.77 7.26 -22.13
CA GLU D 107 -29.45 7.19 -20.86
C GLU D 107 -28.45 7.58 -19.79
N VAL D 108 -28.74 8.62 -19.02
CA VAL D 108 -27.85 9.05 -17.95
C VAL D 108 -28.44 8.54 -16.64
N ILE D 109 -27.62 7.84 -15.86
CA ILE D 109 -28.10 7.30 -14.60
C ILE D 109 -27.12 7.52 -13.46
N TYR D 110 -27.64 8.08 -12.37
CA TYR D 110 -26.84 8.34 -11.19
C TYR D 110 -27.24 7.34 -10.12
N LEU D 111 -26.31 6.46 -9.74
CA LEU D 111 -26.60 5.46 -8.74
C LEU D 111 -26.89 6.10 -7.38
N LYS D 112 -27.60 5.39 -6.51
CA LYS D 112 -27.92 5.89 -5.17
C LYS D 112 -26.70 5.79 -4.25
N ARG D 113 -26.82 5.13 -3.10
CA ARG D 113 -25.65 4.99 -2.22
C ARG D 113 -25.48 3.61 -1.59
#